data_8K4L
#
_entry.id   8K4L
#
_cell.length_a   37.757
_cell.length_b   118.827
_cell.length_c   121.821
_cell.angle_alpha   90.00
_cell.angle_beta   90.00
_cell.angle_gamma   90.00
#
_symmetry.space_group_name_H-M   'P 21 21 21'
#
loop_
_entity.id
_entity.type
_entity.pdbx_description
1 polymer 'Nuclear respiratory factor 1'
2 polymer 'DNA (14-MER)'
3 non-polymer GLYCEROL
4 water water
#
loop_
_entity_poly.entity_id
_entity_poly.type
_entity_poly.pdbx_seq_one_letter_code
_entity_poly.pdbx_strand_id
1 'polypeptide(L)'
;GDDSDILNSTAADEVTAHLAAAGPVGMAAAAAVATGKKRKRPHVFESNPSIRKRQQTRLLRKLRATLDEYTTRVGQQAIV
LCISPSKPNPVFKVFGAAPLENVVRKYKSMILEDLESALAEHAPAPQEVNSELPPLTIDGIPVSVDKMTQAQLRAFIPEM
LKYSTGRGKPGWGKESCKPIWWPEDIPWANVRSDVRTEEQKQRVSWTQALRTIVKNCYKQHGREDLLYAFED
;
A,B
2 'polydeoxyribonucleotide' (DA)(DT)(DG)(DC)(DG)(DC)(DA)(DT)(DG)(DC)(DG)(DC)(DA)(DT) C,D
#
# COMPACT_ATOMS: atom_id res chain seq x y z
N ASN A 8 -21.73 4.60 -11.60
CA ASN A 8 -22.08 3.99 -10.32
C ASN A 8 -22.91 2.71 -10.51
N SER A 9 -23.71 2.63 -11.58
CA SER A 9 -24.27 1.35 -11.97
C SER A 9 -23.13 0.41 -12.34
N THR A 10 -22.82 -0.55 -11.46
CA THR A 10 -21.64 -1.39 -11.59
C THR A 10 -21.91 -2.77 -12.19
N ALA A 11 -23.17 -3.20 -12.25
CA ALA A 11 -23.48 -4.54 -12.75
C ALA A 11 -23.23 -4.69 -14.25
N ALA A 12 -23.13 -3.58 -14.99
CA ALA A 12 -23.05 -3.59 -16.45
C ALA A 12 -21.63 -3.79 -17.00
N ASP A 13 -20.82 -4.60 -16.33
CA ASP A 13 -19.53 -5.06 -16.84
C ASP A 13 -19.04 -6.19 -15.95
N GLU A 14 -18.47 -7.22 -16.56
CA GLU A 14 -18.18 -8.45 -15.81
C GLU A 14 -17.16 -8.21 -14.71
N VAL A 15 -16.09 -7.47 -15.01
CA VAL A 15 -15.05 -7.25 -14.01
C VAL A 15 -15.61 -6.47 -12.82
N THR A 16 -16.25 -5.33 -13.10
CA THR A 16 -16.89 -4.55 -12.04
C THR A 16 -18.01 -5.31 -11.36
N ALA A 17 -18.69 -6.20 -12.08
CA ALA A 17 -19.70 -7.05 -11.45
C ALA A 17 -19.08 -7.91 -10.35
N HIS A 18 -18.01 -8.63 -10.67
CA HIS A 18 -17.37 -9.49 -9.68
C HIS A 18 -16.83 -8.66 -8.52
N LEU A 19 -16.29 -7.48 -8.82
CA LEU A 19 -15.79 -6.62 -7.75
C LEU A 19 -16.90 -6.24 -6.78
N ALA A 20 -18.03 -5.77 -7.31
CA ALA A 20 -19.10 -5.22 -6.46
C ALA A 20 -19.76 -6.28 -5.58
N ALA A 21 -19.72 -7.55 -5.96
CA ALA A 21 -20.32 -8.61 -5.16
C ALA A 21 -19.40 -9.12 -4.05
N ALA A 22 -18.17 -8.60 -3.96
CA ALA A 22 -17.24 -9.09 -2.95
C ALA A 22 -17.43 -8.44 -1.59
N GLY A 23 -18.31 -7.44 -1.46
CA GLY A 23 -18.48 -6.73 -0.21
C GLY A 23 -18.06 -5.26 -0.30
N PRO A 24 -17.90 -4.61 0.86
CA PRO A 24 -17.67 -3.16 0.84
C PRO A 24 -16.35 -2.74 0.22
N VAL A 25 -15.26 -3.49 0.46
CA VAL A 25 -14.00 -3.20 -0.22
C VAL A 25 -14.17 -3.35 -1.72
N GLY A 26 -14.87 -4.41 -2.15
CA GLY A 26 -15.07 -4.63 -3.58
C GLY A 26 -16.03 -3.63 -4.20
N MET A 27 -17.04 -3.21 -3.45
CA MET A 27 -17.91 -2.15 -3.95
C MET A 27 -17.12 -0.86 -4.17
N ALA A 28 -16.26 -0.50 -3.21
CA ALA A 28 -15.40 0.66 -3.38
C ALA A 28 -14.55 0.54 -4.64
N ALA A 29 -14.01 -0.65 -4.88
CA ALA A 29 -13.18 -0.88 -6.07
C ALA A 29 -14.02 -0.78 -7.34
N ALA A 30 -15.20 -1.41 -7.32
CA ALA A 30 -16.06 -1.40 -8.50
C ALA A 30 -16.47 0.02 -8.86
N ALA A 31 -16.86 0.81 -7.85
CA ALA A 31 -17.22 2.21 -8.10
C ALA A 31 -16.04 3.01 -8.64
N ALA A 32 -14.82 2.69 -8.19
CA ALA A 32 -13.65 3.43 -8.67
C ALA A 32 -13.38 3.12 -10.14
N VAL A 33 -13.41 1.83 -10.50
CA VAL A 33 -13.21 1.44 -11.89
C VAL A 33 -14.31 2.04 -12.78
N ALA A 34 -15.54 2.08 -12.26
CA ALA A 34 -16.65 2.56 -13.07
C ALA A 34 -16.58 4.06 -13.31
N THR A 35 -16.00 4.80 -12.36
CA THR A 35 -15.80 6.23 -12.58
C THR A 35 -15.02 6.46 -13.88
N GLY A 36 -13.97 5.67 -14.10
CA GLY A 36 -13.14 5.84 -15.28
C GLY A 36 -13.83 5.39 -16.56
N LYS A 37 -14.68 4.37 -16.48
CA LYS A 37 -15.42 3.93 -17.66
C LYS A 37 -16.27 5.05 -18.22
N LYS A 38 -16.76 5.94 -17.35
CA LYS A 38 -17.58 7.05 -17.79
C LYS A 38 -16.78 8.06 -18.63
N ARG A 39 -15.51 8.25 -18.31
CA ARG A 39 -14.65 9.18 -19.04
C ARG A 39 -14.03 8.57 -20.29
N LYS A 40 -14.35 7.30 -20.59
CA LYS A 40 -13.85 6.55 -21.74
C LYS A 40 -12.35 6.32 -21.71
N ARG A 41 -11.69 6.63 -20.59
CA ARG A 41 -10.24 6.49 -20.41
C ARG A 41 -9.74 5.13 -20.91
N PRO A 42 -8.46 5.01 -21.28
CA PRO A 42 -8.00 3.77 -21.94
C PRO A 42 -7.80 2.57 -21.03
N HIS A 43 -7.51 2.79 -19.74
CA HIS A 43 -7.00 1.75 -18.87
C HIS A 43 -8.11 0.80 -18.40
N VAL A 44 -7.69 -0.34 -17.83
CA VAL A 44 -8.61 -1.33 -17.24
C VAL A 44 -8.01 -1.88 -15.95
N PHE A 45 -8.89 -2.44 -15.12
CA PHE A 45 -8.49 -2.94 -13.81
C PHE A 45 -7.53 -4.11 -13.94
N GLU A 46 -6.60 -4.22 -12.99
CA GLU A 46 -5.58 -5.25 -13.02
C GLU A 46 -5.90 -6.34 -12.00
N SER A 47 -6.28 -7.52 -12.50
CA SER A 47 -6.75 -8.62 -11.65
C SER A 47 -5.59 -9.36 -10.98
N ASN A 48 -4.42 -9.32 -11.59
CA ASN A 48 -3.22 -9.94 -11.01
C ASN A 48 -2.70 -9.09 -9.85
N PRO A 49 -2.79 -9.56 -8.61
CA PRO A 49 -2.48 -8.69 -7.47
C PRO A 49 -1.03 -8.29 -7.40
N SER A 50 -0.13 -9.08 -8.01
CA SER A 50 1.28 -8.75 -8.02
C SER A 50 1.58 -7.64 -9.02
N ILE A 51 0.97 -7.70 -10.20
CA ILE A 51 1.05 -6.59 -11.15
C ILE A 51 0.35 -5.36 -10.58
N ARG A 52 -0.83 -5.54 -9.98
CA ARG A 52 -1.57 -4.40 -9.45
C ARG A 52 -0.81 -3.70 -8.33
N LYS A 53 -0.14 -4.47 -7.47
CA LYS A 53 0.70 -3.86 -6.45
C LYS A 53 1.83 -3.04 -7.09
N ARG A 54 2.42 -3.59 -8.17
CA ARG A 54 3.52 -2.91 -8.84
C ARG A 54 3.02 -1.63 -9.50
N GLN A 55 1.86 -1.66 -10.14
CA GLN A 55 1.32 -0.45 -10.73
C GLN A 55 0.96 0.56 -9.65
N GLN A 56 0.36 0.11 -8.55
CA GLN A 56 0.03 1.01 -7.43
C GLN A 56 1.30 1.72 -6.96
N THR A 57 2.42 1.02 -6.85
CA THR A 57 3.67 1.62 -6.38
C THR A 57 4.19 2.64 -7.37
N ARG A 58 4.33 2.24 -8.65
CA ARG A 58 4.74 3.18 -9.68
C ARG A 58 3.83 4.41 -9.68
N LEU A 59 2.52 4.19 -9.67
CA LEU A 59 1.58 5.30 -9.86
C LEU A 59 1.47 6.19 -8.64
N LEU A 60 1.62 5.64 -7.43
CA LEU A 60 1.68 6.51 -6.28
C LEU A 60 2.94 7.37 -6.30
N ARG A 61 4.06 6.79 -6.73
CA ARG A 61 5.29 7.56 -6.86
C ARG A 61 5.09 8.74 -7.80
N LYS A 62 4.49 8.49 -8.97
CA LYS A 62 4.26 9.57 -9.93
C LYS A 62 3.37 10.65 -9.33
N LEU A 63 2.32 10.24 -8.60
CA LEU A 63 1.40 11.20 -8.01
C LEU A 63 2.08 12.05 -6.95
N ARG A 64 2.88 11.41 -6.07
CA ARG A 64 3.65 12.15 -5.08
C ARG A 64 4.55 13.18 -5.74
N ALA A 65 5.20 12.79 -6.83
CA ALA A 65 6.12 13.69 -7.51
C ALA A 65 5.37 14.84 -8.16
N THR A 66 4.20 14.56 -8.75
CA THR A 66 3.47 15.64 -9.39
C THR A 66 2.84 16.56 -8.35
N LEU A 67 2.33 15.99 -7.25
CA LEU A 67 1.85 16.82 -6.14
C LEU A 67 2.95 17.72 -5.59
N ASP A 68 4.18 17.19 -5.49
CA ASP A 68 5.30 17.99 -4.97
C ASP A 68 5.61 19.16 -5.89
N GLU A 69 5.70 18.89 -7.19
CA GLU A 69 5.95 19.96 -8.15
C GLU A 69 4.82 20.99 -8.12
N TYR A 70 3.58 20.51 -8.09
CA TYR A 70 2.42 21.39 -8.08
C TYR A 70 2.43 22.28 -6.85
N THR A 71 2.62 21.68 -5.68
CA THR A 71 2.60 22.46 -4.46
C THR A 71 3.75 23.48 -4.44
N THR A 72 4.91 23.09 -4.96
CA THR A 72 6.04 24.02 -5.01
C THR A 72 5.81 25.14 -6.01
N ARG A 73 5.53 24.77 -7.27
CA ARG A 73 5.51 25.77 -8.33
C ARG A 73 4.27 26.65 -8.25
N VAL A 74 3.11 26.07 -7.95
CA VAL A 74 1.88 26.86 -7.88
C VAL A 74 1.71 27.52 -6.51
N GLY A 75 2.40 27.02 -5.48
CA GLY A 75 2.28 27.56 -4.16
C GLY A 75 1.02 27.19 -3.42
N GLN A 76 0.37 26.10 -3.79
CA GLN A 76 -0.95 25.77 -3.30
C GLN A 76 -0.95 24.42 -2.56
N GLN A 77 -1.62 24.39 -1.42
CA GLN A 77 -1.79 23.15 -0.66
C GLN A 77 -2.57 22.13 -1.49
N ALA A 78 -2.07 20.89 -1.52
CA ALA A 78 -2.69 19.82 -2.29
C ALA A 78 -2.32 18.47 -1.69
N ILE A 79 -3.29 17.57 -1.63
CA ILE A 79 -3.04 16.21 -1.15
C ILE A 79 -3.73 15.22 -2.07
N VAL A 80 -3.23 14.00 -2.03
CA VAL A 80 -3.93 12.82 -2.52
C VAL A 80 -4.37 12.02 -1.31
N LEU A 81 -5.60 11.52 -1.36
CA LEU A 81 -6.17 10.66 -0.33
C LEU A 81 -6.59 9.37 -1.01
N CYS A 82 -6.17 8.24 -0.45
CA CYS A 82 -6.55 6.92 -0.95
C CYS A 82 -7.15 6.13 0.21
N ILE A 83 -8.24 5.43 -0.07
CA ILE A 83 -9.00 4.75 0.97
C ILE A 83 -9.38 3.36 0.49
N SER A 84 -9.27 2.37 1.38
CA SER A 84 -9.85 1.05 1.20
C SER A 84 -10.63 0.75 2.47
N PRO A 85 -11.94 0.57 2.42
CA PRO A 85 -12.72 0.36 3.65
C PRO A 85 -12.64 -1.08 4.15
N SER A 86 -11.42 -1.54 4.42
CA SER A 86 -11.25 -2.91 4.86
C SER A 86 -11.36 -3.03 6.37
N LYS A 87 -11.50 -4.26 6.83
CA LYS A 87 -11.60 -4.57 8.25
C LYS A 87 -10.56 -5.60 8.64
N PRO A 88 -10.04 -5.52 9.87
CA PRO A 88 -10.38 -4.50 10.86
C PRO A 88 -9.66 -3.17 10.63
N ASN A 89 -8.56 -3.22 9.87
CA ASN A 89 -7.71 -2.07 9.64
C ASN A 89 -7.99 -1.49 8.26
N PRO A 90 -8.60 -0.31 8.15
CA PRO A 90 -8.83 0.28 6.83
C PRO A 90 -7.61 1.04 6.34
N VAL A 91 -7.44 1.03 5.02
CA VAL A 91 -6.40 1.83 4.37
C VAL A 91 -6.91 3.27 4.27
N PHE A 92 -6.13 4.22 4.80
CA PHE A 92 -6.48 5.63 4.75
C PHE A 92 -5.16 6.41 4.68
N LYS A 93 -4.59 6.47 3.48
CA LYS A 93 -3.32 7.14 3.28
C LYS A 93 -3.53 8.52 2.66
N VAL A 94 -2.95 9.53 3.29
CA VAL A 94 -2.94 10.90 2.83
C VAL A 94 -1.50 11.29 2.57
N PHE A 95 -1.23 11.91 1.43
CA PHE A 95 0.10 12.48 1.26
C PHE A 95 0.03 13.73 0.40
N GLY A 96 1.02 14.61 0.59
CA GLY A 96 1.09 15.89 -0.09
C GLY A 96 1.55 17.04 0.80
N ALA A 97 1.03 18.23 0.54
CA ALA A 97 1.48 19.44 1.23
C ALA A 97 1.13 19.41 2.72
N ALA A 98 2.08 19.93 3.55
CA ALA A 98 1.70 20.18 4.94
C ALA A 98 1.35 21.66 5.10
N PRO A 99 0.42 22.01 5.99
CA PRO A 99 -0.27 21.15 6.95
C PRO A 99 -1.57 20.48 6.47
N LEU A 100 -1.98 20.65 5.20
CA LEU A 100 -3.23 20.02 4.74
C LEU A 100 -3.21 18.53 4.97
N GLU A 101 -2.06 17.90 4.76
CA GLU A 101 -1.92 16.46 4.98
C GLU A 101 -2.45 16.07 6.36
N ASN A 102 -2.07 16.80 7.41
CA ASN A 102 -2.49 16.42 8.75
C ASN A 102 -3.92 16.84 9.06
N VAL A 103 -4.39 17.94 8.47
CA VAL A 103 -5.79 18.33 8.63
C VAL A 103 -6.70 17.20 8.15
N VAL A 104 -6.43 16.67 6.95
CA VAL A 104 -7.30 15.67 6.36
C VAL A 104 -7.24 14.37 7.16
N ARG A 105 -6.05 14.01 7.67
CA ARG A 105 -5.88 12.78 8.43
C ARG A 105 -6.83 12.69 9.64
N LYS A 106 -7.17 13.84 10.24
CA LYS A 106 -8.01 13.85 11.43
C LYS A 106 -9.44 13.42 11.14
N TYR A 107 -9.86 13.40 9.88
CA TYR A 107 -11.22 13.04 9.50
C TYR A 107 -11.32 11.60 9.00
N LYS A 108 -10.30 10.78 9.19
CA LYS A 108 -10.38 9.36 8.83
C LYS A 108 -11.68 8.74 9.32
N SER A 109 -12.02 8.99 10.59
CA SER A 109 -13.24 8.46 11.18
C SER A 109 -14.46 8.81 10.33
N MET A 110 -14.72 10.10 10.16
CA MET A 110 -15.93 10.55 9.49
C MET A 110 -15.92 10.16 8.01
N ILE A 111 -14.81 10.38 7.32
CA ILE A 111 -14.78 10.12 5.88
C ILE A 111 -14.97 8.64 5.59
N LEU A 112 -14.45 7.78 6.46
CA LEU A 112 -14.66 6.34 6.28
C LEU A 112 -16.15 6.00 6.42
N GLU A 113 -16.80 6.49 7.48
CA GLU A 113 -18.20 6.16 7.65
C GLU A 113 -19.06 6.78 6.55
N ASP A 114 -18.65 7.94 6.02
CA ASP A 114 -19.40 8.60 4.95
C ASP A 114 -19.24 7.86 3.63
N LEU A 115 -18.03 7.36 3.36
CA LEU A 115 -17.82 6.54 2.17
C LEU A 115 -18.64 5.26 2.26
N GLU A 116 -18.70 4.65 3.44
CA GLU A 116 -19.41 3.38 3.59
C GLU A 116 -20.91 3.57 3.35
N SER A 117 -21.49 4.63 3.91
CA SER A 117 -22.89 4.94 3.63
C SER A 117 -23.13 5.03 2.14
N ALA A 118 -22.41 5.93 1.46
CA ALA A 118 -22.63 6.18 0.04
C ALA A 118 -22.49 4.91 -0.79
N LEU A 119 -21.75 3.92 -0.30
CA LEU A 119 -21.60 2.68 -1.05
C LEU A 119 -22.73 1.69 -0.78
N ALA A 120 -23.48 1.85 0.31
CA ALA A 120 -24.61 0.96 0.58
C ALA A 120 -25.69 1.00 -0.50
N GLU A 121 -25.60 1.94 -1.45
CA GLU A 121 -26.53 2.01 -2.56
C GLU A 121 -26.11 1.08 -3.70
N ASN A 130 -24.03 -18.90 0.68
CA ASN A 130 -24.51 -20.25 0.39
C ASN A 130 -23.36 -21.25 0.24
N SER A 131 -22.26 -21.00 0.95
CA SER A 131 -21.04 -21.79 0.80
C SER A 131 -20.42 -22.02 2.15
N GLU A 132 -20.06 -23.27 2.43
CA GLU A 132 -19.34 -23.57 3.66
C GLU A 132 -17.96 -22.94 3.67
N LEU A 133 -17.40 -22.67 2.50
CA LEU A 133 -16.03 -22.18 2.32
C LEU A 133 -16.03 -20.70 1.97
N PRO A 134 -15.07 -19.93 2.50
CA PRO A 134 -15.08 -18.48 2.28
C PRO A 134 -14.67 -18.14 0.86
N PRO A 135 -14.93 -16.91 0.41
CA PRO A 135 -14.39 -16.46 -0.88
C PRO A 135 -12.90 -16.20 -0.75
N LEU A 136 -12.20 -16.35 -1.87
CA LEU A 136 -10.76 -16.07 -1.94
C LEU A 136 -10.58 -14.59 -2.25
N THR A 137 -10.02 -13.83 -1.31
CA THR A 137 -9.76 -12.41 -1.53
C THR A 137 -8.45 -12.01 -0.86
N ILE A 138 -7.78 -11.04 -1.46
CA ILE A 138 -6.67 -10.33 -0.84
C ILE A 138 -7.24 -9.00 -0.34
N ASP A 139 -7.39 -8.86 0.98
CA ASP A 139 -7.86 -7.63 1.61
C ASP A 139 -9.19 -7.19 0.99
N GLY A 140 -10.07 -8.16 0.75
CA GLY A 140 -11.40 -7.89 0.26
C GLY A 140 -11.55 -7.86 -1.26
N ILE A 141 -10.47 -7.99 -2.00
CA ILE A 141 -10.51 -7.97 -3.47
C ILE A 141 -10.40 -9.40 -3.97
N PRO A 142 -11.37 -9.90 -4.75
CA PRO A 142 -11.29 -11.28 -5.26
C PRO A 142 -9.96 -11.56 -5.95
N VAL A 143 -9.46 -12.78 -5.76
CA VAL A 143 -8.19 -13.23 -6.32
C VAL A 143 -8.35 -14.68 -6.72
N SER A 144 -7.65 -15.08 -7.78
CA SER A 144 -7.57 -16.48 -8.16
C SER A 144 -6.50 -17.21 -7.33
N VAL A 145 -6.77 -18.49 -7.04
CA VAL A 145 -5.79 -19.29 -6.28
C VAL A 145 -4.43 -19.34 -6.99
N ASP A 146 -4.42 -19.33 -8.33
CA ASP A 146 -3.15 -19.38 -9.05
C ASP A 146 -2.41 -18.06 -9.05
N LYS A 147 -3.01 -17.00 -8.53
CA LYS A 147 -2.37 -15.69 -8.42
C LYS A 147 -2.01 -15.31 -6.99
N MET A 148 -2.38 -16.12 -6.01
CA MET A 148 -1.99 -15.82 -4.64
C MET A 148 -0.50 -16.08 -4.44
N THR A 149 0.16 -15.24 -3.62
CA THR A 149 1.55 -15.47 -3.24
C THR A 149 1.63 -16.60 -2.24
N GLN A 150 2.86 -17.11 -2.05
CA GLN A 150 3.06 -18.18 -1.09
C GLN A 150 2.62 -17.75 0.31
N ALA A 151 2.97 -16.53 0.71
CA ALA A 151 2.58 -16.01 2.03
C ALA A 151 1.07 -16.00 2.20
N GLN A 152 0.35 -15.59 1.16
CA GLN A 152 -1.10 -15.53 1.22
C GLN A 152 -1.73 -16.92 1.28
N LEU A 153 -1.19 -17.87 0.50
CA LEU A 153 -1.69 -19.24 0.57
C LEU A 153 -1.45 -19.82 1.96
N ARG A 154 -0.25 -19.63 2.49
CA ARG A 154 0.14 -20.20 3.75
C ARG A 154 -0.70 -19.63 4.90
N ALA A 155 -0.99 -18.33 4.85
CA ALA A 155 -1.88 -17.74 5.84
C ALA A 155 -3.33 -18.17 5.63
N PHE A 156 -3.75 -18.38 4.38
CA PHE A 156 -5.16 -18.72 4.14
C PHE A 156 -5.50 -20.13 4.63
N ILE A 157 -4.57 -21.06 4.53
CA ILE A 157 -4.89 -22.48 4.77
C ILE A 157 -5.47 -22.73 6.15
N PRO A 158 -4.91 -22.19 7.25
CA PRO A 158 -5.52 -22.45 8.57
C PRO A 158 -6.92 -21.85 8.71
N GLU A 159 -7.20 -20.72 8.08
CA GLU A 159 -8.55 -20.17 8.09
C GLU A 159 -9.49 -21.05 7.28
N MET A 160 -9.05 -21.50 6.10
CA MET A 160 -9.85 -22.43 5.30
C MET A 160 -10.15 -23.73 6.06
N LEU A 161 -9.23 -24.20 6.90
CA LEU A 161 -9.48 -25.43 7.67
C LEU A 161 -10.57 -25.22 8.72
N LYS A 162 -10.60 -24.05 9.38
CA LYS A 162 -11.67 -23.76 10.33
C LYS A 162 -13.04 -23.84 9.66
N TYR A 163 -13.17 -23.23 8.47
CA TYR A 163 -14.42 -23.29 7.72
C TYR A 163 -14.72 -24.71 7.28
N SER A 164 -13.69 -25.44 6.82
CA SER A 164 -13.92 -26.72 6.17
C SER A 164 -14.30 -27.79 7.19
N THR A 165 -13.63 -27.81 8.35
CA THR A 165 -13.86 -28.83 9.36
C THR A 165 -14.74 -28.36 10.51
N GLY A 166 -14.93 -27.06 10.68
CA GLY A 166 -15.63 -26.54 11.84
C GLY A 166 -14.82 -26.49 13.11
N ARG A 167 -13.56 -26.91 13.09
CA ARG A 167 -12.71 -26.94 14.27
C ARG A 167 -11.95 -25.62 14.44
N GLY A 168 -11.88 -25.13 15.68
CA GLY A 168 -11.05 -23.98 15.95
C GLY A 168 -9.56 -24.30 15.89
N LYS A 169 -9.19 -25.54 16.18
CA LYS A 169 -7.80 -25.94 16.13
C LYS A 169 -7.69 -27.15 15.21
N PRO A 170 -6.74 -27.15 14.26
CA PRO A 170 -6.77 -28.18 13.21
C PRO A 170 -6.25 -29.55 13.65
N GLY A 171 -5.52 -29.64 14.75
CA GLY A 171 -4.90 -30.90 15.14
C GLY A 171 -3.86 -31.37 14.13
N TRP A 172 -2.93 -30.48 13.79
CA TRP A 172 -1.82 -30.81 12.90
C TRP A 172 -1.11 -32.07 13.36
N GLY A 173 -0.86 -33.00 12.42
CA GLY A 173 -0.15 -34.22 12.74
C GLY A 173 -0.98 -35.32 13.36
N LYS A 174 -2.14 -34.99 13.93
CA LYS A 174 -3.05 -36.03 14.42
C LYS A 174 -3.77 -36.64 13.22
N GLU A 175 -3.50 -37.91 12.95
CA GLU A 175 -4.13 -38.54 11.79
C GLU A 175 -5.65 -38.60 11.96
N SER A 176 -6.15 -38.56 13.19
CA SER A 176 -7.60 -38.52 13.35
C SER A 176 -8.20 -37.19 12.89
N CYS A 177 -7.37 -36.17 12.67
CA CYS A 177 -7.85 -34.86 12.20
C CYS A 177 -7.52 -34.57 10.73
N LYS A 178 -6.79 -35.47 10.06
CA LYS A 178 -6.37 -35.17 8.68
C LYS A 178 -7.60 -35.12 7.78
N PRO A 179 -7.80 -34.03 7.04
CA PRO A 179 -8.96 -33.96 6.14
C PRO A 179 -8.92 -35.03 5.06
N ILE A 180 -10.11 -35.45 4.65
CA ILE A 180 -10.27 -36.52 3.67
C ILE A 180 -9.70 -36.09 2.31
N TRP A 181 -9.73 -34.80 2.02
CA TRP A 181 -9.18 -34.26 0.78
C TRP A 181 -7.68 -33.92 0.86
N TRP A 182 -7.02 -34.17 1.99
CA TRP A 182 -5.63 -33.71 2.11
C TRP A 182 -4.77 -34.36 1.03
N PRO A 183 -3.90 -33.60 0.37
CA PRO A 183 -3.10 -34.17 -0.73
C PRO A 183 -2.15 -35.25 -0.20
N GLU A 184 -2.09 -36.36 -0.93
CA GLU A 184 -1.34 -37.52 -0.44
C GLU A 184 0.17 -37.27 -0.40
N ASP A 185 0.70 -36.38 -1.25
CA ASP A 185 2.14 -36.11 -1.26
C ASP A 185 2.52 -34.88 -0.44
N ILE A 186 1.72 -34.56 0.58
CA ILE A 186 2.07 -33.49 1.53
C ILE A 186 1.80 -33.98 2.95
N PRO A 187 2.79 -33.91 3.85
CA PRO A 187 2.55 -34.32 5.23
C PRO A 187 1.41 -33.53 5.84
N TRP A 188 0.58 -34.23 6.62
CA TRP A 188 -0.43 -33.56 7.43
C TRP A 188 0.29 -32.87 8.59
N ALA A 189 0.74 -31.63 8.34
CA ALA A 189 1.62 -30.91 9.25
C ALA A 189 1.49 -29.42 8.99
N ASN A 190 1.73 -28.63 10.03
CA ASN A 190 1.56 -27.17 9.99
C ASN A 190 2.30 -26.57 8.80
N VAL A 191 1.57 -25.87 7.92
CA VAL A 191 2.16 -25.27 6.71
C VAL A 191 3.11 -24.13 7.07
N ARG A 192 3.21 -23.83 8.37
CA ARG A 192 4.20 -22.87 8.87
C ARG A 192 5.62 -23.17 8.36
N SER A 193 5.98 -24.46 8.27
CA SER A 193 7.32 -24.90 7.85
C SER A 193 7.17 -26.14 6.96
N ASP A 194 7.69 -26.09 5.75
CA ASP A 194 7.63 -27.23 4.83
C ASP A 194 8.45 -28.41 5.38
N VAL A 195 7.80 -29.52 5.68
CA VAL A 195 8.49 -30.69 6.22
C VAL A 195 8.44 -31.86 5.24
N ARG A 196 8.18 -31.57 3.97
CA ARG A 196 8.31 -32.58 2.93
C ARG A 196 9.76 -33.05 2.83
N THR A 197 9.93 -34.27 2.33
CA THR A 197 11.24 -34.77 1.99
C THR A 197 11.84 -33.99 0.83
N GLU A 198 13.16 -34.10 0.69
CA GLU A 198 13.86 -33.41 -0.39
C GLU A 198 13.38 -33.87 -1.77
N GLU A 199 13.06 -35.15 -1.91
CA GLU A 199 12.56 -35.60 -3.20
C GLU A 199 11.15 -35.05 -3.47
N GLN A 200 10.30 -35.01 -2.45
CA GLN A 200 9.03 -34.33 -2.59
C GLN A 200 9.23 -32.88 -2.99
N LYS A 201 10.19 -32.20 -2.35
CA LYS A 201 10.41 -30.77 -2.61
C LYS A 201 10.85 -30.53 -4.03
N GLN A 202 11.67 -31.44 -4.57
CA GLN A 202 12.14 -31.31 -5.95
C GLN A 202 11.02 -31.55 -6.95
N ARG A 203 10.04 -32.38 -6.60
CA ARG A 203 8.97 -32.73 -7.51
C ARG A 203 7.86 -31.67 -7.58
N VAL A 204 7.62 -30.93 -6.50
CA VAL A 204 6.51 -30.00 -6.38
C VAL A 204 6.99 -28.80 -5.56
N SER A 205 6.92 -27.60 -6.13
CA SER A 205 7.29 -26.41 -5.38
C SER A 205 6.35 -26.20 -4.19
N TRP A 206 6.85 -25.53 -3.16
CA TRP A 206 6.03 -25.30 -1.97
C TRP A 206 4.77 -24.52 -2.33
N THR A 207 4.90 -23.53 -3.22
CA THR A 207 3.73 -22.78 -3.64
C THR A 207 2.70 -23.67 -4.32
N GLN A 208 3.16 -24.57 -5.18
CA GLN A 208 2.22 -25.51 -5.86
C GLN A 208 1.57 -26.43 -4.83
N ALA A 209 2.33 -26.97 -3.91
CA ALA A 209 1.76 -27.83 -2.86
C ALA A 209 0.65 -27.08 -2.09
N LEU A 210 0.93 -25.85 -1.72
CA LEU A 210 -0.07 -25.04 -1.01
C LEU A 210 -1.30 -24.78 -1.89
N ARG A 211 -1.10 -24.51 -3.18
CA ARG A 211 -2.26 -24.36 -4.08
C ARG A 211 -3.06 -25.65 -4.13
N THR A 212 -2.39 -26.79 -4.10
CA THR A 212 -3.07 -28.08 -4.16
C THR A 212 -3.90 -28.33 -2.92
N ILE A 213 -3.38 -27.93 -1.75
CA ILE A 213 -4.13 -28.01 -0.51
C ILE A 213 -5.45 -27.26 -0.67
N VAL A 214 -5.39 -26.02 -1.13
CA VAL A 214 -6.58 -25.19 -1.29
C VAL A 214 -7.53 -25.79 -2.33
N LYS A 215 -6.99 -26.08 -3.52
CA LYS A 215 -7.79 -26.62 -4.61
C LYS A 215 -8.51 -27.91 -4.18
N ASN A 216 -7.79 -28.81 -3.50
CA ASN A 216 -8.41 -30.06 -3.07
C ASN A 216 -9.59 -29.77 -2.14
N CYS A 217 -9.43 -28.80 -1.25
CA CYS A 217 -10.48 -28.52 -0.29
C CYS A 217 -11.72 -28.00 -1.01
N TYR A 218 -11.54 -27.03 -1.92
CA TYR A 218 -12.67 -26.47 -2.64
C TYR A 218 -13.31 -27.52 -3.56
N LYS A 219 -12.50 -28.34 -4.23
CA LYS A 219 -13.05 -29.45 -5.02
C LYS A 219 -13.95 -30.33 -4.17
N GLN A 220 -13.46 -30.75 -3.01
CA GLN A 220 -14.24 -31.67 -2.15
C GLN A 220 -15.58 -31.04 -1.77
N HIS A 221 -15.61 -29.73 -1.51
CA HIS A 221 -16.84 -29.10 -1.07
C HIS A 221 -17.77 -28.75 -2.22
N GLY A 222 -17.41 -29.10 -3.47
CA GLY A 222 -18.20 -28.78 -4.63
C GLY A 222 -18.19 -27.32 -5.05
N ARG A 223 -17.26 -26.52 -4.54
CA ARG A 223 -17.24 -25.08 -4.76
C ARG A 223 -15.95 -24.67 -5.48
N GLU A 224 -15.58 -25.43 -6.50
CA GLU A 224 -14.39 -25.11 -7.27
C GLU A 224 -14.56 -23.80 -8.04
N ASP A 225 -15.80 -23.32 -8.20
CA ASP A 225 -16.03 -22.06 -8.88
C ASP A 225 -15.47 -20.88 -8.11
N LEU A 226 -15.24 -21.03 -6.81
CA LEU A 226 -14.68 -19.95 -6.01
C LEU A 226 -13.17 -19.77 -6.19
N LEU A 227 -12.55 -20.58 -7.03
CA LEU A 227 -11.09 -20.64 -7.09
C LEU A 227 -10.46 -19.73 -8.13
N TYR A 228 -11.22 -19.23 -9.12
CA TYR A 228 -10.60 -18.67 -10.33
C TYR A 228 -11.16 -17.30 -10.67
N ALA A 229 -11.10 -16.37 -9.72
CA ALA A 229 -11.53 -14.99 -9.97
C ALA A 229 -10.75 -14.38 -11.13
N PHE A 230 -11.49 -13.83 -12.11
CA PHE A 230 -10.97 -13.11 -13.27
C PHE A 230 -10.14 -14.01 -14.20
N GLU A 231 -10.40 -15.32 -14.16
CA GLU A 231 -9.65 -16.33 -14.92
C GLU A 231 -8.15 -16.26 -14.62
N HIS B 43 12.33 22.09 -7.79
CA HIS B 43 11.59 23.16 -8.44
C HIS B 43 11.54 24.41 -7.59
N VAL B 44 11.01 25.48 -8.17
CA VAL B 44 10.85 26.75 -7.49
C VAL B 44 9.43 27.27 -7.74
N PHE B 45 8.87 27.95 -6.74
CA PHE B 45 7.65 28.73 -6.93
C PHE B 45 7.78 29.61 -8.16
N GLU B 46 6.73 29.66 -8.96
CA GLU B 46 6.72 30.48 -10.17
C GLU B 46 6.18 31.87 -9.82
N SER B 47 7.07 32.86 -9.80
CA SER B 47 6.71 34.22 -9.40
C SER B 47 5.91 34.94 -10.48
N ASN B 48 6.07 34.55 -11.73
CA ASN B 48 5.29 35.13 -12.81
C ASN B 48 3.90 34.48 -12.83
N PRO B 49 2.82 35.25 -12.66
CA PRO B 49 1.49 34.61 -12.60
C PRO B 49 1.07 33.96 -13.89
N SER B 50 1.43 34.54 -15.04
CA SER B 50 1.09 33.94 -16.32
C SER B 50 1.71 32.53 -16.43
N ILE B 51 2.99 32.40 -16.10
CA ILE B 51 3.63 31.09 -16.08
C ILE B 51 3.04 30.20 -15.00
N ARG B 52 2.66 30.79 -13.86
CA ARG B 52 2.10 30.00 -12.77
C ARG B 52 0.76 29.41 -13.15
N LYS B 53 -0.05 30.14 -13.93
CA LYS B 53 -1.31 29.58 -14.40
C LYS B 53 -1.10 28.54 -15.49
N ARG B 54 -0.08 28.72 -16.32
CA ARG B 54 0.25 27.71 -17.33
C ARG B 54 0.66 26.41 -16.67
N GLN B 55 1.56 26.47 -15.69
CA GLN B 55 1.98 25.28 -14.97
C GLN B 55 0.82 24.65 -14.22
N GLN B 56 0.03 25.47 -13.52
CA GLN B 56 -1.10 24.95 -12.76
C GLN B 56 -2.00 24.11 -13.68
N THR B 57 -2.36 24.67 -14.83
CA THR B 57 -3.19 23.94 -15.80
C THR B 57 -2.52 22.64 -16.25
N ARG B 58 -1.22 22.71 -16.56
CA ARG B 58 -0.53 21.51 -17.02
C ARG B 58 -0.47 20.46 -15.92
N LEU B 59 -0.10 20.88 -14.71
CA LEU B 59 0.10 19.92 -13.63
C LEU B 59 -1.22 19.37 -13.11
N LEU B 60 -2.24 20.24 -12.96
CA LEU B 60 -3.55 19.76 -12.52
C LEU B 60 -4.03 18.67 -13.42
N ARG B 61 -3.91 18.92 -14.73
CA ARG B 61 -4.41 17.96 -15.74
C ARG B 61 -3.59 16.67 -15.67
N LYS B 62 -2.28 16.80 -15.59
CA LYS B 62 -1.49 15.59 -15.42
C LYS B 62 -1.86 14.83 -14.15
N LEU B 63 -2.20 15.55 -13.08
CA LEU B 63 -2.69 14.90 -11.87
C LEU B 63 -3.97 14.13 -12.16
N ARG B 64 -4.88 14.71 -12.95
CA ARG B 64 -6.13 14.03 -13.25
C ARG B 64 -5.90 12.74 -14.03
N ALA B 65 -5.01 12.79 -15.03
CA ALA B 65 -4.75 11.61 -15.85
C ALA B 65 -4.07 10.52 -15.05
N THR B 66 -3.09 10.90 -14.22
CA THR B 66 -2.42 9.92 -13.39
C THR B 66 -3.38 9.32 -12.36
N LEU B 67 -4.23 10.15 -11.77
CA LEU B 67 -5.16 9.65 -10.77
C LEU B 67 -6.17 8.71 -11.42
N ASP B 68 -6.73 9.11 -12.56
CA ASP B 68 -7.66 8.27 -13.29
C ASP B 68 -7.05 6.91 -13.62
N GLU B 69 -5.77 6.91 -14.02
CA GLU B 69 -5.10 5.63 -14.26
C GLU B 69 -5.00 4.83 -12.96
N TYR B 70 -4.63 5.50 -11.87
CA TYR B 70 -4.51 4.84 -10.57
C TYR B 70 -5.83 4.22 -10.15
N THR B 71 -6.92 5.01 -10.12
CA THR B 71 -8.17 4.51 -9.60
C THR B 71 -8.73 3.36 -10.44
N THR B 72 -8.53 3.41 -11.76
CA THR B 72 -9.04 2.35 -12.62
C THR B 72 -8.19 1.08 -12.49
N ARG B 73 -6.87 1.22 -12.61
CA ARG B 73 -6.02 0.04 -12.66
C ARG B 73 -5.84 -0.60 -11.28
N VAL B 74 -5.78 0.22 -10.23
CA VAL B 74 -5.67 -0.32 -8.89
C VAL B 74 -7.04 -0.62 -8.29
N GLY B 75 -8.09 -0.02 -8.84
CA GLY B 75 -9.42 -0.25 -8.31
C GLY B 75 -9.53 0.22 -6.88
N GLN B 76 -9.16 1.47 -6.64
CA GLN B 76 -9.19 2.03 -5.29
C GLN B 76 -9.76 3.44 -5.31
N GLN B 77 -10.58 3.76 -4.31
CA GLN B 77 -11.09 5.10 -4.16
C GLN B 77 -9.94 6.05 -3.81
N ALA B 78 -9.76 7.10 -4.61
CA ALA B 78 -8.71 8.07 -4.34
C ALA B 78 -9.11 9.40 -4.96
N ILE B 79 -8.74 10.51 -4.30
CA ILE B 79 -9.00 11.85 -4.79
C ILE B 79 -7.77 12.71 -4.63
N VAL B 80 -7.71 13.76 -5.44
CA VAL B 80 -6.80 14.87 -5.24
C VAL B 80 -7.62 16.04 -4.74
N LEU B 81 -7.07 16.78 -3.78
CA LEU B 81 -7.74 17.92 -3.18
C LEU B 81 -6.74 19.08 -3.20
N CYS B 82 -7.11 20.17 -3.85
CA CYS B 82 -6.32 21.40 -3.93
C CYS B 82 -7.12 22.52 -3.28
N ILE B 83 -6.43 23.38 -2.52
CA ILE B 83 -7.10 24.41 -1.72
C ILE B 83 -6.32 25.71 -1.81
N SER B 84 -7.04 26.83 -1.95
CA SER B 84 -6.44 28.13 -1.62
C SER B 84 -7.43 28.99 -0.85
N PRO B 85 -7.12 29.36 0.40
CA PRO B 85 -8.07 30.16 1.20
C PRO B 85 -8.13 31.63 0.81
N SER B 86 -7.83 31.94 -0.46
CA SER B 86 -7.91 33.32 -0.94
C SER B 86 -9.32 33.86 -0.77
N LYS B 87 -9.40 35.13 -0.37
CA LYS B 87 -10.69 35.80 -0.24
C LYS B 87 -11.16 36.31 -1.61
N PRO B 88 -12.48 36.41 -1.82
CA PRO B 88 -13.57 36.10 -0.88
C PRO B 88 -14.17 34.70 -1.06
N ASN B 89 -13.63 33.92 -2.00
CA ASN B 89 -14.13 32.57 -2.26
C ASN B 89 -12.94 31.61 -2.34
N PRO B 90 -12.67 30.87 -1.27
CA PRO B 90 -11.57 29.90 -1.32
C PRO B 90 -11.88 28.76 -2.28
N VAL B 91 -10.87 28.36 -3.05
CA VAL B 91 -11.05 27.27 -4.01
C VAL B 91 -10.81 25.95 -3.29
N PHE B 92 -11.81 25.08 -3.35
CA PHE B 92 -11.77 23.76 -2.71
C PHE B 92 -12.07 22.79 -3.86
N LYS B 93 -11.01 22.35 -4.54
CA LYS B 93 -11.12 21.57 -5.76
C LYS B 93 -10.85 20.09 -5.44
N VAL B 94 -11.84 19.24 -5.66
CA VAL B 94 -11.69 17.80 -5.46
C VAL B 94 -11.94 17.08 -6.77
N PHE B 95 -11.09 16.09 -7.08
CA PHE B 95 -11.39 15.22 -8.20
C PHE B 95 -10.80 13.84 -7.95
N GLY B 96 -11.47 12.84 -8.50
CA GLY B 96 -11.02 11.47 -8.41
C GLY B 96 -12.21 10.53 -8.51
N ALA B 97 -12.17 9.46 -7.70
CA ALA B 97 -13.18 8.42 -7.76
C ALA B 97 -14.50 8.87 -7.14
N ALA B 98 -15.60 8.43 -7.74
CA ALA B 98 -16.90 8.49 -7.10
C ALA B 98 -17.12 7.22 -6.26
N PRO B 99 -17.76 7.32 -5.08
CA PRO B 99 -18.31 8.53 -4.46
C PRO B 99 -17.36 9.29 -3.52
N LEU B 100 -16.07 8.92 -3.47
CA LEU B 100 -15.18 9.64 -2.56
C LEU B 100 -15.15 11.12 -2.87
N GLU B 101 -15.20 11.47 -4.16
CA GLU B 101 -15.14 12.87 -4.58
C GLU B 101 -16.25 13.70 -3.94
N ASN B 102 -17.48 13.20 -3.97
CA ASN B 102 -18.61 13.99 -3.40
C ASN B 102 -18.55 13.93 -1.89
N VAL B 103 -18.14 12.80 -1.32
CA VAL B 103 -17.98 12.69 0.13
C VAL B 103 -17.03 13.79 0.65
N VAL B 104 -15.84 13.89 0.05
CA VAL B 104 -14.86 14.88 0.54
C VAL B 104 -15.39 16.30 0.37
N ARG B 105 -16.12 16.56 -0.73
CA ARG B 105 -16.69 17.90 -0.96
C ARG B 105 -17.55 18.37 0.21
N LYS B 106 -18.27 17.46 0.87
CA LYS B 106 -19.11 17.87 1.99
C LYS B 106 -18.30 18.48 3.13
N TYR B 107 -16.99 18.21 3.20
CA TYR B 107 -16.14 18.66 4.28
C TYR B 107 -15.43 19.98 3.97
N LYS B 108 -15.86 20.68 2.94
CA LYS B 108 -15.18 21.91 2.53
C LYS B 108 -15.04 22.87 3.69
N SER B 109 -16.16 23.24 4.32
CA SER B 109 -16.14 24.25 5.37
C SER B 109 -15.23 23.86 6.53
N MET B 110 -15.30 22.60 6.97
CA MET B 110 -14.52 22.19 8.13
C MET B 110 -13.04 22.09 7.81
N ILE B 111 -12.69 21.51 6.67
CA ILE B 111 -11.29 21.41 6.29
C ILE B 111 -10.69 22.78 6.06
N LEU B 112 -11.45 23.70 5.45
CA LEU B 112 -10.99 25.07 5.28
C LEU B 112 -10.77 25.74 6.63
N GLU B 113 -11.75 25.62 7.53
CA GLU B 113 -11.60 26.13 8.89
C GLU B 113 -10.32 25.62 9.52
N ASP B 114 -10.21 24.29 9.65
CA ASP B 114 -9.04 23.69 10.29
C ASP B 114 -7.73 24.06 9.61
N LEU B 115 -7.75 24.39 8.31
CA LEU B 115 -6.53 24.69 7.58
C LEU B 115 -6.01 26.10 7.86
N GLU B 116 -6.89 27.10 7.87
CA GLU B 116 -6.49 28.45 8.27
C GLU B 116 -5.79 28.43 9.60
N SER B 117 -6.06 27.41 10.41
CA SER B 117 -5.72 27.35 11.81
C SER B 117 -4.34 26.74 12.01
N ALA B 118 -4.12 25.61 11.35
CA ALA B 118 -2.79 25.00 11.28
C ALA B 118 -1.77 26.02 10.78
N LEU B 119 -2.19 26.90 9.87
CA LEU B 119 -1.28 27.92 9.37
C LEU B 119 -0.99 28.98 10.43
N ALA B 120 -1.92 29.21 11.36
CA ALA B 120 -1.69 30.14 12.47
C ALA B 120 -0.53 29.68 13.38
N SER B 131 20.73 19.66 5.99
CA SER B 131 20.17 19.35 7.31
C SER B 131 18.73 18.80 7.27
N GLU B 132 18.10 18.79 6.11
CA GLU B 132 16.75 18.25 5.98
C GLU B 132 16.83 16.75 5.82
N LEU B 133 15.90 16.05 6.48
CA LEU B 133 15.87 14.59 6.47
C LEU B 133 14.41 14.20 6.64
N PRO B 134 14.00 13.03 6.14
CA PRO B 134 12.58 12.67 6.21
C PRO B 134 12.15 12.44 7.66
N PRO B 135 10.87 12.66 7.96
CA PRO B 135 10.41 12.30 9.30
C PRO B 135 10.36 10.79 9.40
N LEU B 136 10.41 10.30 10.64
CA LEU B 136 10.39 8.87 10.90
C LEU B 136 8.94 8.40 10.91
N THR B 137 8.42 8.28 9.69
CA THR B 137 7.06 7.83 9.42
C THR B 137 7.11 6.89 8.21
N ILE B 138 6.34 5.82 8.28
CA ILE B 138 6.16 4.89 7.17
C ILE B 138 4.70 4.96 6.78
N ASP B 139 4.42 5.51 5.59
CA ASP B 139 3.06 5.67 5.06
C ASP B 139 2.22 6.61 5.93
N GLY B 140 2.83 7.71 6.36
CA GLY B 140 2.11 8.74 7.11
C GLY B 140 2.01 8.47 8.60
N ILE B 141 2.41 7.28 9.04
CA ILE B 141 2.31 6.99 10.49
C ILE B 141 3.70 6.99 11.13
N PRO B 142 3.89 7.67 12.27
CA PRO B 142 5.18 7.68 12.92
C PRO B 142 5.63 6.32 13.46
N VAL B 143 6.88 5.99 13.23
CA VAL B 143 7.52 4.77 13.73
C VAL B 143 8.77 5.15 14.52
N SER B 144 9.02 4.44 15.61
CA SER B 144 10.32 4.53 16.24
C SER B 144 11.32 3.85 15.33
N VAL B 145 12.54 4.40 15.26
CA VAL B 145 13.61 3.68 14.60
C VAL B 145 13.73 2.30 15.22
N ASP B 146 13.54 2.20 16.53
CA ASP B 146 13.50 0.91 17.21
C ASP B 146 12.22 0.13 16.95
N LYS B 147 11.21 0.75 16.32
CA LYS B 147 9.96 0.08 15.96
C LYS B 147 9.95 -0.46 14.53
N MET B 148 10.87 0.01 13.69
CA MET B 148 10.86 -0.39 12.29
C MET B 148 11.38 -1.82 12.14
N THR B 149 10.72 -2.59 11.30
CA THR B 149 11.26 -3.88 10.91
C THR B 149 12.48 -3.71 10.01
N GLN B 150 13.25 -4.80 9.88
CA GLN B 150 14.28 -4.87 8.84
C GLN B 150 13.74 -4.45 7.48
N ALA B 151 12.54 -4.93 7.13
CA ALA B 151 12.01 -4.59 5.81
C ALA B 151 11.75 -3.09 5.73
N GLN B 152 11.23 -2.49 6.82
CA GLN B 152 11.01 -1.05 6.81
C GLN B 152 12.33 -0.29 6.72
N LEU B 153 13.38 -0.80 7.38
CA LEU B 153 14.67 -0.13 7.37
C LEU B 153 15.33 -0.21 6.00
N ARG B 154 15.26 -1.38 5.36
CA ARG B 154 15.84 -1.53 4.02
C ARG B 154 15.19 -0.57 3.03
N ALA B 155 13.90 -0.27 3.20
CA ALA B 155 13.22 0.69 2.32
C ALA B 155 13.49 2.13 2.76
N PHE B 156 13.57 2.38 4.08
CA PHE B 156 13.78 3.75 4.59
C PHE B 156 15.16 4.28 4.23
N ILE B 157 16.19 3.45 4.36
CA ILE B 157 17.56 3.93 4.26
C ILE B 157 17.90 4.54 2.89
N PRO B 158 17.53 3.94 1.75
CA PRO B 158 17.84 4.62 0.48
C PRO B 158 17.14 5.96 0.32
N GLU B 159 15.96 6.13 0.90
CA GLU B 159 15.32 7.45 0.84
C GLU B 159 16.08 8.45 1.72
N MET B 160 16.35 8.06 2.97
CA MET B 160 17.21 8.84 3.87
C MET B 160 18.47 9.29 3.16
N LEU B 161 19.15 8.37 2.45
CA LEU B 161 20.41 8.70 1.79
C LEU B 161 20.25 9.83 0.78
N LYS B 162 19.19 9.78 -0.03
CA LYS B 162 18.90 10.86 -0.97
C LYS B 162 18.90 12.22 -0.29
N TYR B 163 18.12 12.35 0.80
CA TYR B 163 18.13 13.59 1.58
C TYR B 163 19.50 13.91 2.12
N SER B 164 20.19 12.93 2.70
CA SER B 164 21.45 13.23 3.37
C SER B 164 22.53 13.70 2.40
N THR B 165 22.68 12.98 1.27
CA THR B 165 23.74 13.29 0.32
C THR B 165 23.32 14.21 -0.82
N GLY B 166 22.04 14.28 -1.15
CA GLY B 166 21.62 14.98 -2.34
C GLY B 166 21.68 14.20 -3.63
N ARG B 167 22.12 12.93 -3.59
CA ARG B 167 22.24 12.12 -4.80
C ARG B 167 20.98 11.28 -5.02
N GLY B 168 20.53 11.21 -6.28
CA GLY B 168 19.43 10.31 -6.59
C GLY B 168 19.83 8.85 -6.50
N LYS B 169 21.09 8.56 -6.78
CA LYS B 169 21.65 7.22 -6.77
C LYS B 169 22.80 7.17 -5.78
N PRO B 170 22.84 6.20 -4.87
CA PRO B 170 23.82 6.26 -3.77
C PRO B 170 25.23 5.89 -4.16
N GLY B 171 25.42 5.14 -5.24
CA GLY B 171 26.77 4.77 -5.62
C GLY B 171 27.35 3.76 -4.66
N TRP B 172 26.57 2.71 -4.36
CA TRP B 172 27.00 1.67 -3.43
C TRP B 172 28.36 1.12 -3.85
N GLY B 173 29.19 0.79 -2.88
CA GLY B 173 30.50 0.24 -3.18
C GLY B 173 31.56 1.23 -3.63
N LYS B 174 31.19 2.47 -4.04
CA LYS B 174 32.19 3.49 -4.37
C LYS B 174 32.50 4.32 -3.12
N GLU B 175 33.75 4.28 -2.65
CA GLU B 175 34.05 4.98 -1.40
C GLU B 175 33.84 6.49 -1.54
N SER B 176 34.00 7.03 -2.74
CA SER B 176 33.79 8.47 -2.93
C SER B 176 32.34 8.88 -2.66
N CYS B 177 31.41 7.93 -2.60
CA CYS B 177 30.01 8.22 -2.36
C CYS B 177 29.57 7.91 -0.93
N LYS B 178 30.42 7.26 -0.13
CA LYS B 178 30.00 6.83 1.21
C LYS B 178 29.88 8.05 2.12
N PRO B 179 28.75 8.22 2.83
CA PRO B 179 28.60 9.36 3.74
C PRO B 179 29.60 9.30 4.89
N ILE B 180 29.92 10.47 5.45
CA ILE B 180 30.90 10.52 6.54
C ILE B 180 30.39 9.80 7.78
N TRP B 181 29.07 9.72 7.95
CA TRP B 181 28.48 9.13 9.14
C TRP B 181 28.27 7.63 9.02
N TRP B 182 28.66 7.02 7.89
CA TRP B 182 28.40 5.59 7.73
C TRP B 182 29.08 4.81 8.84
N PRO B 183 28.37 3.89 9.52
CA PRO B 183 28.99 3.14 10.62
C PRO B 183 30.23 2.37 10.20
N GLU B 184 31.27 2.45 11.05
CA GLU B 184 32.58 1.86 10.76
C GLU B 184 32.53 0.35 10.63
N ASP B 185 31.60 -0.30 11.30
CA ASP B 185 31.52 -1.76 11.27
C ASP B 185 30.47 -2.27 10.27
N ILE B 186 30.15 -1.49 9.26
CA ILE B 186 29.24 -1.95 8.21
C ILE B 186 29.86 -1.62 6.87
N PRO B 187 30.02 -2.58 5.96
CA PRO B 187 30.55 -2.25 4.63
C PRO B 187 29.62 -1.28 3.92
N TRP B 188 30.21 -0.39 3.15
CA TRP B 188 29.47 0.54 2.29
C TRP B 188 28.99 -0.28 1.09
N ALA B 189 27.77 -0.79 1.21
CA ALA B 189 27.26 -1.76 0.28
C ALA B 189 25.74 -1.78 0.41
N ASN B 190 25.08 -2.05 -0.70
CA ASN B 190 23.62 -2.09 -0.78
C ASN B 190 23.04 -2.87 0.39
N VAL B 191 22.21 -2.21 1.20
CA VAL B 191 21.61 -2.85 2.37
C VAL B 191 20.61 -3.93 1.95
N ARG B 192 20.45 -4.12 0.64
CA ARG B 192 19.64 -5.22 0.12
C ARG B 192 20.06 -6.57 0.69
N SER B 193 21.36 -6.75 0.94
CA SER B 193 21.85 -8.05 1.37
C SER B 193 23.04 -7.82 2.30
N ASP B 194 22.95 -8.36 3.52
CA ASP B 194 24.00 -8.20 4.52
C ASP B 194 25.28 -8.85 4.03
N VAL B 195 26.36 -8.06 3.95
CA VAL B 195 27.65 -8.58 3.51
C VAL B 195 28.72 -8.47 4.60
N ARG B 196 28.30 -8.35 5.85
CA ARG B 196 29.25 -8.30 6.95
C ARG B 196 29.89 -9.69 7.17
N THR B 197 31.04 -9.69 7.85
CA THR B 197 31.67 -10.96 8.22
C THR B 197 30.78 -11.72 9.19
N GLU B 198 30.97 -13.04 9.22
CA GLU B 198 30.08 -13.88 10.04
C GLU B 198 30.23 -13.57 11.52
N GLU B 199 31.41 -13.13 11.96
CA GLU B 199 31.57 -12.76 13.36
C GLU B 199 30.93 -11.41 13.64
N GLN B 200 31.02 -10.48 12.70
CA GLN B 200 30.27 -9.22 12.81
C GLN B 200 28.79 -9.50 13.01
N LYS B 201 28.25 -10.48 12.27
CA LYS B 201 26.84 -10.82 12.42
C LYS B 201 26.55 -11.40 13.79
N GLN B 202 27.53 -12.06 14.41
CA GLN B 202 27.33 -12.62 15.75
C GLN B 202 27.18 -11.50 16.77
N ARG B 203 28.04 -10.49 16.70
CA ARG B 203 27.93 -9.34 17.59
C ARG B 203 26.60 -8.62 17.41
N VAL B 204 26.33 -8.16 16.19
CA VAL B 204 25.25 -7.21 15.90
C VAL B 204 24.31 -7.83 14.88
N SER B 205 23.03 -7.94 15.24
CA SER B 205 22.06 -8.42 14.26
C SER B 205 21.91 -7.41 13.11
N TRP B 206 21.51 -7.91 11.95
CA TRP B 206 21.38 -7.03 10.78
C TRP B 206 20.34 -5.94 11.05
N THR B 207 19.25 -6.29 11.72
CA THR B 207 18.23 -5.30 12.06
C THR B 207 18.82 -4.20 12.94
N GLN B 208 19.70 -4.57 13.85
CA GLN B 208 20.34 -3.58 14.75
C GLN B 208 21.35 -2.74 13.97
N ALA B 209 22.10 -3.35 13.06
CA ALA B 209 23.04 -2.57 12.25
C ALA B 209 22.29 -1.56 11.37
N LEU B 210 21.17 -1.99 10.77
CA LEU B 210 20.36 -1.06 9.97
C LEU B 210 19.82 0.10 10.82
N ARG B 211 19.38 -0.19 12.04
CA ARG B 211 18.99 0.91 12.93
C ARG B 211 20.17 1.85 13.20
N THR B 212 21.38 1.31 13.33
CA THR B 212 22.55 2.16 13.57
C THR B 212 22.85 3.07 12.39
N ILE B 213 22.66 2.57 11.16
CA ILE B 213 22.81 3.41 9.97
C ILE B 213 21.89 4.63 10.07
N VAL B 214 20.63 4.40 10.42
CA VAL B 214 19.66 5.50 10.50
C VAL B 214 20.02 6.45 11.65
N LYS B 215 20.30 5.89 12.84
CA LYS B 215 20.62 6.74 13.99
C LYS B 215 21.86 7.60 13.72
N ASN B 216 22.90 7.01 13.08
CA ASN B 216 24.12 7.79 12.78
C ASN B 216 23.82 8.96 11.85
N CYS B 217 22.95 8.72 10.87
CA CYS B 217 22.64 9.76 9.91
C CYS B 217 21.96 10.93 10.60
N TYR B 218 20.88 10.64 11.35
CA TYR B 218 20.13 11.72 12.00
C TYR B 218 20.99 12.48 13.01
N LYS B 219 21.82 11.78 13.77
CA LYS B 219 22.67 12.47 14.73
C LYS B 219 23.74 13.30 14.00
N GLN B 220 24.28 12.78 12.89
CA GLN B 220 25.27 13.55 12.13
C GLN B 220 24.67 14.87 11.68
N HIS B 221 23.42 14.86 11.24
CA HIS B 221 22.75 16.08 10.80
C HIS B 221 22.17 16.87 11.95
N GLY B 222 22.40 16.44 13.18
CA GLY B 222 21.78 17.09 14.33
C GLY B 222 20.28 17.05 14.32
N ARG B 223 19.67 15.98 13.80
CA ARG B 223 18.20 15.92 13.77
C ARG B 223 17.64 14.91 14.77
N GLU B 224 18.16 14.92 16.00
CA GLU B 224 17.58 14.15 17.08
C GLU B 224 16.08 14.47 17.27
N ASP B 225 15.66 15.70 16.94
CA ASP B 225 14.25 16.06 17.05
C ASP B 225 13.36 15.15 16.20
N LEU B 226 13.85 14.77 15.01
CA LEU B 226 13.09 13.84 14.18
C LEU B 226 13.25 12.41 14.66
N LEU B 227 14.48 12.04 15.07
CA LEU B 227 14.75 10.66 15.45
C LEU B 227 13.97 10.26 16.69
N TYR B 228 13.88 11.16 17.67
CA TYR B 228 13.17 10.94 18.92
C TYR B 228 11.80 11.62 18.95
N ALA B 229 11.33 12.11 17.80
CA ALA B 229 9.95 12.56 17.61
C ALA B 229 9.50 13.61 18.63
N PHE B 230 10.37 14.60 18.91
CA PHE B 230 9.93 15.71 19.77
C PHE B 230 8.66 16.35 19.18
#